data_7AGL
#
_entry.id   7AGL
#
_cell.length_a   85.920
_cell.length_b   85.920
_cell.length_c   73.660
_cell.angle_alpha   90.000
_cell.angle_beta   90.000
_cell.angle_gamma   90.000
#
_symmetry.space_group_name_H-M   'P 41 21 2'
#
loop_
_entity.id
_entity.type
_entity.pdbx_description
1 polymer 'N-acetylmuramoyl-L-alanine amidase'
2 non-polymer 'ZINC ION'
3 water water
#
_entity_poly.entity_id   1
_entity_poly.type   'polypeptide(L)'
_entity_poly.pdbx_seq_one_letter_code
;GAPGIAGRIVVLDPGHNGANDSSINNQVPDGRGGTKSCQTSGTATDGGYPEHTFTWNTVLLIRQQLTQLGVRTAMTRGDD
NKLGPCIDKRAEIENSYNPDAVVSIHADGGPAGGHGFHVNYSNPPVNAVQGEPTLRFAKTMRDSLQAAGLTPATYIGTGG
LYGRSDLAGLNLAQHPKVLVELGNMKNAQDSAMMTSPEGRSKYAQAVVQGIVAYLSGTAPAAAPAPEAAPAGG
;
_entity_poly.pdbx_strand_id   A
#
# COMPACT_ATOMS: atom_id res chain seq x y z
N ILE A 5 13.15 16.20 -5.48
CA ILE A 5 11.85 15.60 -5.21
C ILE A 5 10.79 16.15 -6.16
N ALA A 6 10.72 17.48 -6.28
CA ALA A 6 9.78 18.10 -7.20
C ALA A 6 9.96 17.53 -8.60
N GLY A 7 8.84 17.28 -9.27
CA GLY A 7 8.86 16.77 -10.63
C GLY A 7 8.92 15.26 -10.74
N ARG A 8 9.20 14.56 -9.64
CA ARG A 8 9.12 13.11 -9.66
C ARG A 8 7.66 12.68 -9.75
N ILE A 9 7.45 11.43 -10.17
CA ILE A 9 6.12 10.86 -10.39
C ILE A 9 5.88 9.72 -9.42
N VAL A 10 4.78 9.79 -8.66
CA VAL A 10 4.42 8.73 -7.71
C VAL A 10 2.98 8.30 -7.99
N VAL A 11 2.74 6.98 -8.07
CA VAL A 11 1.39 6.43 -8.18
C VAL A 11 1.01 5.78 -6.85
N LEU A 12 -0.22 6.06 -6.41
CA LEU A 12 -0.72 5.60 -5.12
C LEU A 12 -1.89 4.65 -5.33
N ASP A 13 -1.88 3.52 -4.63
CA ASP A 13 -2.93 2.51 -4.80
C ASP A 13 -3.65 2.26 -3.47
N PRO A 14 -4.87 2.85 -3.24
CA PRO A 14 -5.64 2.48 -2.06
C PRO A 14 -6.29 1.12 -2.27
N GLY A 15 -5.82 0.14 -1.49
CA GLY A 15 -6.19 -1.24 -1.76
C GLY A 15 -7.69 -1.48 -1.67
N HIS A 16 -8.16 -2.41 -2.50
CA HIS A 16 -9.54 -2.90 -2.57
C HIS A 16 -10.51 -1.89 -3.18
N ASN A 17 -11.75 -2.33 -3.37
CA ASN A 17 -12.79 -1.55 -4.04
C ASN A 17 -13.75 -0.92 -3.05
N GLY A 18 -14.40 0.17 -3.49
CA GLY A 18 -15.52 0.69 -2.73
C GLY A 18 -16.70 -0.25 -2.67
N ALA A 19 -16.87 -1.10 -3.69
CA ALA A 19 -17.94 -2.09 -3.70
C ALA A 19 -17.54 -3.22 -4.63
N ASN A 20 -18.20 -4.36 -4.48
CA ASN A 20 -17.82 -5.55 -5.22
C ASN A 20 -19.04 -6.24 -5.80
N ASP A 21 -18.78 -7.08 -6.80
CA ASP A 21 -19.78 -8.03 -7.31
C ASP A 21 -19.03 -9.30 -7.67
N SER A 22 -19.71 -10.26 -8.31
CA SER A 22 -19.07 -11.56 -8.50
C SER A 22 -17.95 -11.51 -9.54
N SER A 23 -17.77 -10.40 -10.25
CA SER A 23 -16.65 -10.30 -11.17
C SER A 23 -15.31 -10.35 -10.45
N ILE A 24 -15.27 -10.02 -9.15
CA ILE A 24 -13.98 -10.03 -8.47
C ILE A 24 -13.43 -11.44 -8.32
N ASN A 25 -14.25 -12.46 -8.55
CA ASN A 25 -13.80 -13.85 -8.44
C ASN A 25 -13.17 -14.38 -9.73
N ASN A 26 -13.23 -13.63 -10.82
CA ASN A 26 -12.60 -14.05 -12.06
C ASN A 26 -11.09 -14.06 -11.88
N GLN A 27 -10.44 -15.04 -12.49
CA GLN A 27 -9.02 -15.27 -12.24
C GLN A 27 -8.18 -14.45 -13.20
N VAL A 28 -7.14 -13.80 -12.67
CA VAL A 28 -6.26 -12.98 -13.50
C VAL A 28 -4.83 -13.50 -13.34
N PRO A 29 -3.98 -13.31 -14.34
CA PRO A 29 -2.60 -13.79 -14.21
C PRO A 29 -1.85 -13.04 -13.11
N ASP A 30 -1.05 -13.77 -12.33
CA ASP A 30 -0.46 -13.19 -11.13
C ASP A 30 1.01 -12.77 -11.29
N GLY A 31 1.57 -12.86 -12.51
CA GLY A 31 2.95 -12.46 -12.73
C GLY A 31 3.99 -13.47 -12.31
N ARG A 32 3.58 -14.62 -11.78
CA ARG A 32 4.54 -15.60 -11.30
C ARG A 32 3.99 -17.01 -11.56
N GLY A 33 3.50 -17.22 -12.79
CA GLY A 33 3.13 -18.56 -13.23
C GLY A 33 1.74 -19.02 -12.85
N GLY A 34 0.99 -18.23 -12.08
CA GLY A 34 -0.31 -18.66 -11.63
C GLY A 34 -1.39 -17.65 -11.90
N THR A 35 -2.55 -17.84 -11.30
CA THR A 35 -3.64 -16.88 -11.38
C THR A 35 -4.13 -16.60 -9.96
N LYS A 36 -4.74 -15.43 -9.78
CA LYS A 36 -5.33 -15.02 -8.52
C LYS A 36 -6.66 -14.35 -8.81
N SER A 37 -7.52 -14.27 -7.80
CA SER A 37 -8.79 -13.54 -7.98
C SER A 37 -8.54 -12.09 -8.39
N CYS A 38 -9.39 -11.58 -9.29
CA CYS A 38 -9.34 -10.18 -9.71
C CYS A 38 -9.28 -9.21 -8.53
N GLN A 39 -10.10 -9.43 -7.52
CA GLN A 39 -10.08 -8.60 -6.32
C GLN A 39 -10.54 -9.44 -5.14
N THR A 40 -10.29 -8.89 -3.95
CA THR A 40 -10.87 -9.40 -2.72
C THR A 40 -11.49 -8.22 -1.99
N SER A 41 -12.44 -8.51 -1.11
CA SER A 41 -13.18 -7.40 -0.50
C SER A 41 -12.31 -6.61 0.46
N GLY A 42 -11.35 -7.26 1.10
CA GLY A 42 -10.57 -6.63 2.15
C GLY A 42 -11.26 -6.78 3.49
N THR A 43 -10.56 -6.32 4.54
CA THR A 43 -11.06 -6.56 5.88
C THR A 43 -11.76 -5.29 6.40
N ALA A 44 -11.94 -5.21 7.72
CA ALA A 44 -12.61 -4.09 8.37
C ALA A 44 -12.26 -4.13 9.85
N THR A 45 -12.34 -2.99 10.52
CA THR A 45 -12.27 -3.04 11.99
C THR A 45 -13.50 -3.73 12.53
N ASP A 46 -13.42 -4.14 13.80
CA ASP A 46 -14.61 -4.71 14.41
C ASP A 46 -15.68 -3.66 14.67
N GLY A 47 -15.34 -2.37 14.56
CA GLY A 47 -16.31 -1.30 14.54
C GLY A 47 -16.99 -1.10 13.20
N GLY A 48 -16.61 -1.86 12.18
CA GLY A 48 -17.23 -1.77 10.87
C GLY A 48 -16.59 -0.78 9.92
N TYR A 49 -15.42 -0.27 10.23
CA TYR A 49 -14.72 0.67 9.36
C TYR A 49 -13.95 -0.14 8.34
N PRO A 50 -14.35 -0.10 7.07
CA PRO A 50 -13.81 -1.04 6.09
C PRO A 50 -12.38 -0.70 5.71
N GLU A 51 -11.61 -1.75 5.43
CA GLU A 51 -10.28 -1.54 4.88
C GLU A 51 -10.31 -0.61 3.68
N HIS A 52 -11.26 -0.82 2.76
CA HIS A 52 -11.25 -0.02 1.54
C HIS A 52 -11.46 1.46 1.82
N THR A 53 -12.20 1.80 2.88
CA THR A 53 -12.38 3.21 3.21
C THR A 53 -11.14 3.78 3.90
N PHE A 54 -10.51 2.98 4.77
CA PHE A 54 -9.27 3.43 5.39
C PHE A 54 -8.20 3.71 4.34
N THR A 55 -8.04 2.80 3.37
CA THR A 55 -6.95 2.98 2.40
C THR A 55 -7.26 4.17 1.49
N TRP A 56 -8.52 4.31 1.10
CA TRP A 56 -8.94 5.45 0.28
C TRP A 56 -8.61 6.77 0.97
N ASN A 57 -9.06 6.94 2.22
CA ASN A 57 -8.88 8.21 2.89
C ASN A 57 -7.41 8.46 3.20
N THR A 58 -6.65 7.42 3.55
CA THR A 58 -5.24 7.65 3.79
C THR A 58 -4.50 8.03 2.52
N VAL A 59 -4.82 7.38 1.39
CA VAL A 59 -4.20 7.74 0.12
C VAL A 59 -4.53 9.18 -0.26
N LEU A 60 -5.78 9.62 -0.02
CA LEU A 60 -6.10 11.02 -0.35
C LEU A 60 -5.19 11.99 0.41
N LEU A 61 -4.88 11.67 1.66
CA LEU A 61 -4.00 12.53 2.45
C LEU A 61 -2.57 12.47 1.95
N ILE A 62 -2.09 11.25 1.60
CA ILE A 62 -0.76 11.13 1.00
C ILE A 62 -0.67 11.96 -0.28
N ARG A 63 -1.69 11.85 -1.16
N ARG A 63 -1.68 11.85 -1.15
CA ARG A 63 -1.66 12.56 -2.43
CA ARG A 63 -1.63 12.56 -2.43
C ARG A 63 -1.56 14.06 -2.21
C ARG A 63 -1.58 14.06 -2.22
N GLN A 64 -2.39 14.58 -1.29
CA GLN A 64 -2.38 16.01 -1.03
C GLN A 64 -1.01 16.50 -0.57
N GLN A 65 -0.37 15.74 0.32
N GLN A 65 -0.35 15.73 0.31
CA GLN A 65 0.95 16.14 0.82
CA GLN A 65 0.94 16.15 0.82
C GLN A 65 2.00 16.09 -0.29
C GLN A 65 2.02 16.07 -0.26
N LEU A 66 1.96 15.04 -1.12
CA LEU A 66 2.92 14.94 -2.22
C LEU A 66 2.74 16.06 -3.22
N THR A 67 1.49 16.40 -3.55
CA THR A 67 1.25 17.51 -4.47
C THR A 67 1.84 18.80 -3.93
N GLN A 68 1.69 19.03 -2.62
CA GLN A 68 2.26 20.25 -2.03
C GLN A 68 3.78 20.26 -2.15
N LEU A 69 4.41 19.09 -2.23
CA LEU A 69 5.85 19.02 -2.42
C LEU A 69 6.26 19.11 -3.89
N GLY A 70 5.32 19.31 -4.80
CA GLY A 70 5.66 19.35 -6.21
C GLY A 70 5.83 17.99 -6.86
N VAL A 71 5.35 16.95 -6.23
CA VAL A 71 5.43 15.59 -6.78
C VAL A 71 4.20 15.37 -7.64
N ARG A 72 4.41 14.84 -8.84
CA ARG A 72 3.30 14.50 -9.73
C ARG A 72 2.69 13.19 -9.28
N THR A 73 1.35 13.12 -9.19
CA THR A 73 0.71 11.98 -8.56
C THR A 73 -0.42 11.42 -9.42
N ALA A 74 -0.71 10.14 -9.20
CA ALA A 74 -1.88 9.49 -9.76
C ALA A 74 -2.35 8.43 -8.79
N MET A 75 -3.58 7.98 -8.99
CA MET A 75 -4.20 6.96 -8.15
C MET A 75 -4.76 5.86 -9.05
N THR A 76 -4.96 4.69 -8.46
CA THR A 76 -5.48 3.52 -9.17
C THR A 76 -6.99 3.38 -9.07
N ARG A 77 -7.67 4.20 -8.28
CA ARG A 77 -9.13 4.23 -8.33
C ARG A 77 -9.61 5.63 -7.98
N GLY A 78 -10.87 5.90 -8.32
CA GLY A 78 -11.44 7.22 -8.26
C GLY A 78 -12.58 7.39 -7.28
N ASP A 79 -12.90 6.36 -6.50
CA ASP A 79 -14.00 6.47 -5.55
C ASP A 79 -13.87 5.40 -4.50
N ASP A 80 -14.71 5.52 -3.48
CA ASP A 80 -14.83 4.50 -2.43
C ASP A 80 -16.26 3.98 -2.34
N ASN A 81 -16.94 3.80 -3.47
CA ASN A 81 -18.27 3.22 -3.37
C ASN A 81 -18.70 2.39 -4.57
N LYS A 82 -17.85 2.18 -5.58
CA LYS A 82 -18.19 1.36 -6.74
C LYS A 82 -17.09 0.34 -7.00
N LEU A 83 -17.38 -0.60 -7.91
CA LEU A 83 -16.36 -1.52 -8.38
C LEU A 83 -15.14 -0.75 -8.86
N GLY A 84 -13.94 -1.19 -8.44
CA GLY A 84 -12.69 -0.60 -8.88
C GLY A 84 -11.90 -1.58 -9.73
N PRO A 85 -10.70 -1.21 -10.15
CA PRO A 85 -9.96 -2.06 -11.08
C PRO A 85 -9.40 -3.31 -10.41
N CYS A 86 -9.32 -4.38 -11.21
CA CYS A 86 -8.70 -5.64 -10.77
C CYS A 86 -7.23 -5.42 -10.42
N ILE A 87 -6.66 -6.37 -9.65
CA ILE A 87 -5.28 -6.18 -9.19
C ILE A 87 -4.30 -6.15 -10.36
N ASP A 88 -4.54 -6.92 -11.42
CA ASP A 88 -3.60 -6.85 -12.55
C ASP A 88 -3.74 -5.53 -13.30
N LYS A 89 -4.99 -5.08 -13.49
CA LYS A 89 -5.23 -3.77 -14.10
C LYS A 89 -4.61 -2.63 -13.29
N ARG A 90 -4.65 -2.72 -11.96
CA ARG A 90 -4.03 -1.66 -11.16
C ARG A 90 -2.53 -1.58 -11.41
N ALA A 91 -1.86 -2.73 -11.51
CA ALA A 91 -0.43 -2.70 -11.83
C ALA A 91 -0.21 -2.12 -13.22
N GLU A 92 -1.08 -2.45 -14.18
CA GLU A 92 -0.97 -1.88 -15.51
C GLU A 92 -1.12 -0.37 -15.47
N ILE A 93 -2.12 0.11 -14.72
CA ILE A 93 -2.33 1.56 -14.60
C ILE A 93 -1.08 2.21 -13.98
N GLU A 94 -0.56 1.61 -12.90
CA GLU A 94 0.65 2.15 -12.28
C GLU A 94 1.79 2.24 -13.29
N ASN A 95 2.03 1.15 -14.02
CA ASN A 95 3.16 1.11 -14.94
C ASN A 95 2.99 2.14 -16.06
N SER A 96 1.75 2.45 -16.43
CA SER A 96 1.51 3.37 -17.55
C SER A 96 1.97 4.80 -17.27
N TYR A 97 2.22 5.15 -16.01
CA TYR A 97 2.67 6.49 -15.68
C TYR A 97 4.19 6.65 -15.65
N ASN A 98 4.94 5.60 -16.01
CA ASN A 98 6.40 5.59 -15.84
C ASN A 98 6.84 6.19 -14.50
N PRO A 99 6.27 5.75 -13.38
CA PRO A 99 6.55 6.41 -12.11
C PRO A 99 7.95 6.14 -11.58
N ASP A 100 8.41 7.07 -10.75
CA ASP A 100 9.65 6.88 -10.03
C ASP A 100 9.46 5.98 -8.82
N ALA A 101 8.24 5.92 -8.27
CA ALA A 101 7.91 5.10 -7.12
C ALA A 101 6.39 4.87 -7.07
N VAL A 102 5.99 3.69 -6.58
CA VAL A 102 4.60 3.28 -6.43
C VAL A 102 4.40 2.79 -5.02
N VAL A 103 3.33 3.25 -4.35
CA VAL A 103 3.02 2.80 -3.00
C VAL A 103 1.59 2.31 -2.95
N SER A 104 1.40 1.05 -2.56
CA SER A 104 0.09 0.48 -2.35
C SER A 104 -0.19 0.49 -0.84
N ILE A 105 -1.39 0.91 -0.47
CA ILE A 105 -1.78 1.11 0.93
C ILE A 105 -2.87 0.10 1.29
N HIS A 106 -2.62 -0.67 2.34
CA HIS A 106 -3.52 -1.71 2.82
C HIS A 106 -3.58 -1.65 4.34
N ALA A 107 -4.56 -2.35 4.91
CA ALA A 107 -4.57 -2.67 6.34
C ALA A 107 -5.00 -4.12 6.50
N ASP A 108 -4.53 -4.74 7.58
CA ASP A 108 -4.47 -6.19 7.68
C ASP A 108 -5.54 -6.71 8.63
N GLY A 109 -5.79 -8.02 8.54
CA GLY A 109 -6.59 -8.71 9.52
C GLY A 109 -5.75 -9.80 10.15
N GLY A 110 -5.25 -9.57 11.37
CA GLY A 110 -4.44 -10.54 12.06
C GLY A 110 -4.96 -10.81 13.46
N PRO A 111 -4.24 -11.62 14.24
CA PRO A 111 -4.68 -11.90 15.61
C PRO A 111 -4.86 -10.62 16.39
N ALA A 112 -5.87 -10.59 17.26
CA ALA A 112 -6.32 -9.33 17.88
C ALA A 112 -5.22 -8.66 18.70
N GLY A 113 -4.31 -9.42 19.31
CA GLY A 113 -3.23 -8.76 20.05
C GLY A 113 -2.07 -8.25 19.20
N GLY A 114 -2.05 -8.56 17.92
CA GLY A 114 -0.96 -8.16 17.03
C GLY A 114 -1.21 -6.77 16.46
N HIS A 115 -0.14 -5.97 16.37
CA HIS A 115 -0.31 -4.62 15.87
C HIS A 115 0.97 -4.15 15.19
N GLY A 116 0.86 -3.06 14.44
CA GLY A 116 1.99 -2.44 13.79
C GLY A 116 1.95 -2.68 12.29
N PHE A 117 2.97 -2.13 11.61
CA PHE A 117 3.02 -2.10 10.14
C PHE A 117 3.94 -3.17 9.56
N HIS A 118 3.68 -3.56 8.31
CA HIS A 118 4.73 -4.27 7.58
C HIS A 118 4.75 -3.85 6.12
N VAL A 119 5.98 -3.74 5.60
CA VAL A 119 6.25 -3.30 4.24
C VAL A 119 6.51 -4.55 3.41
N ASN A 120 5.60 -4.84 2.49
CA ASN A 120 5.70 -6.01 1.62
C ASN A 120 6.40 -5.63 0.32
N TYR A 121 7.26 -6.53 -0.14
CA TYR A 121 8.00 -6.32 -1.38
C TYR A 121 8.20 -7.64 -2.09
N SER A 122 8.46 -7.56 -3.39
CA SER A 122 8.60 -8.76 -4.21
C SER A 122 9.88 -9.52 -3.86
N ASN A 123 9.72 -10.80 -3.53
CA ASN A 123 10.87 -11.66 -3.27
C ASN A 123 10.52 -13.11 -3.58
N PRO A 124 11.31 -13.81 -4.41
CA PRO A 124 12.45 -13.28 -5.16
C PRO A 124 11.99 -12.38 -6.30
N PRO A 125 12.84 -11.44 -6.71
CA PRO A 125 12.44 -10.52 -7.79
C PRO A 125 12.24 -11.26 -9.10
N VAL A 126 11.26 -10.81 -9.90
CA VAL A 126 11.08 -11.39 -11.24
C VAL A 126 11.68 -10.52 -12.35
N ASN A 127 12.16 -9.32 -12.04
CA ASN A 127 12.91 -8.51 -12.99
C ASN A 127 13.95 -7.69 -12.22
N ALA A 128 14.72 -6.87 -12.94
CA ALA A 128 15.85 -6.17 -12.31
C ALA A 128 15.36 -5.07 -11.38
N VAL A 129 14.29 -4.36 -11.73
CA VAL A 129 13.87 -3.26 -10.87
C VAL A 129 13.34 -3.79 -9.55
N GLN A 130 12.83 -5.01 -9.54
CA GLN A 130 12.34 -5.59 -8.30
C GLN A 130 13.46 -6.05 -7.38
N GLY A 131 14.71 -5.93 -7.81
CA GLY A 131 15.85 -6.24 -6.97
C GLY A 131 16.25 -5.06 -6.10
N GLU A 132 17.50 -4.63 -6.23
CA GLU A 132 18.03 -3.58 -5.35
C GLU A 132 17.18 -2.30 -5.32
N PRO A 133 16.67 -1.77 -6.43
CA PRO A 133 15.85 -0.56 -6.32
C PRO A 133 14.64 -0.73 -5.44
N THR A 134 14.05 -1.92 -5.44
CA THR A 134 12.82 -2.17 -4.68
C THR A 134 13.12 -2.57 -3.25
N LEU A 135 14.15 -3.40 -3.03
CA LEU A 135 14.57 -3.70 -1.67
C LEU A 135 14.99 -2.44 -0.94
N ARG A 136 15.72 -1.54 -1.61
CA ARG A 136 16.09 -0.28 -0.98
C ARG A 136 14.84 0.55 -0.63
N PHE A 137 13.84 0.57 -1.53
CA PHE A 137 12.58 1.25 -1.22
C PHE A 137 11.93 0.65 0.02
N ALA A 138 11.87 -0.68 0.08
CA ALA A 138 11.23 -1.35 1.21
C ALA A 138 11.92 -1.02 2.53
N LYS A 139 13.26 -1.15 2.57
CA LYS A 139 14.01 -0.85 3.80
C LYS A 139 13.88 0.62 4.17
N THR A 140 13.93 1.51 3.19
CA THR A 140 13.81 2.94 3.45
C THR A 140 12.44 3.29 4.02
N MET A 141 11.38 2.73 3.42
CA MET A 141 10.02 2.91 3.93
C MET A 141 9.89 2.37 5.35
N ARG A 142 10.37 1.16 5.60
CA ARG A 142 10.34 0.61 6.95
C ARG A 142 11.05 1.54 7.93
N ASP A 143 12.25 2.00 7.57
CA ASP A 143 13.01 2.90 8.44
C ASP A 143 12.24 4.19 8.74
N SER A 144 11.63 4.78 7.71
CA SER A 144 10.91 6.05 7.88
C SER A 144 9.66 5.86 8.73
N LEU A 145 8.92 4.76 8.50
CA LEU A 145 7.73 4.51 9.31
C LEU A 145 8.08 4.34 10.77
N GLN A 146 9.13 3.56 11.06
CA GLN A 146 9.52 3.33 12.45
C GLN A 146 10.09 4.61 13.08
N ALA A 147 10.85 5.39 12.30
CA ALA A 147 11.38 6.65 12.81
C ALA A 147 10.27 7.63 13.15
N ALA A 148 9.13 7.56 12.44
CA ALA A 148 7.94 8.36 12.71
C ALA A 148 7.19 7.92 13.96
N GLY A 149 7.64 6.85 14.64
CA GLY A 149 7.00 6.36 15.84
C GLY A 149 6.03 5.22 15.64
N LEU A 150 5.86 4.74 14.41
CA LEU A 150 5.05 3.56 14.15
C LEU A 150 5.79 2.29 14.57
N THR A 151 5.04 1.27 14.94
CA THR A 151 5.59 0.02 15.47
C THR A 151 5.68 -1.00 14.36
N PRO A 152 6.83 -1.64 14.12
CA PRO A 152 6.85 -2.75 13.17
C PRO A 152 5.96 -3.88 13.66
N ALA A 153 5.24 -4.50 12.72
CA ALA A 153 4.24 -5.52 13.05
C ALA A 153 4.79 -6.53 14.03
N THR A 154 4.02 -6.78 15.08
CA THR A 154 4.44 -7.75 16.09
C THR A 154 4.05 -9.18 15.73
N TYR A 155 3.34 -9.38 14.62
CA TYR A 155 2.71 -10.66 14.38
C TYR A 155 3.01 -11.24 13.00
N ILE A 156 3.77 -10.53 12.17
CA ILE A 156 4.04 -10.98 10.80
C ILE A 156 5.29 -10.27 10.30
N GLY A 157 6.03 -10.95 9.41
CA GLY A 157 7.21 -10.36 8.83
C GLY A 157 8.37 -10.27 9.82
N THR A 158 9.40 -9.53 9.41
CA THR A 158 10.64 -9.45 10.17
C THR A 158 11.02 -7.98 10.29
N GLY A 159 10.89 -7.43 11.50
CA GLY A 159 11.24 -6.03 11.70
C GLY A 159 10.50 -5.08 10.80
N GLY A 160 9.25 -5.37 10.46
CA GLY A 160 8.49 -4.49 9.59
C GLY A 160 8.71 -4.70 8.12
N LEU A 161 9.39 -5.77 7.72
CA LEU A 161 9.63 -6.11 6.32
C LEU A 161 9.04 -7.48 6.01
N TYR A 162 8.50 -7.66 4.81
CA TYR A 162 7.96 -8.97 4.44
C TYR A 162 8.19 -9.16 2.95
N GLY A 163 9.14 -10.02 2.58
CA GLY A 163 9.34 -10.36 1.19
C GLY A 163 8.44 -11.52 0.81
N ARG A 164 7.80 -11.41 -0.35
CA ARG A 164 6.83 -12.44 -0.68
C ARG A 164 6.63 -12.52 -2.18
N SER A 165 6.12 -13.67 -2.61
CA SER A 165 6.00 -14.00 -4.03
C SER A 165 4.55 -14.15 -4.48
N ASP A 166 3.57 -14.04 -3.57
CA ASP A 166 2.19 -14.39 -3.85
C ASP A 166 1.33 -13.21 -4.30
N LEU A 167 1.86 -11.98 -4.30
CA LEU A 167 1.06 -10.79 -4.56
C LEU A 167 1.25 -10.34 -6.01
N ALA A 168 0.18 -10.47 -6.81
CA ALA A 168 0.23 -10.04 -8.21
C ALA A 168 0.59 -8.56 -8.34
N GLY A 169 0.11 -7.70 -7.43
CA GLY A 169 0.43 -6.29 -7.55
C GLY A 169 1.92 -6.00 -7.40
N LEU A 170 2.63 -6.86 -6.68
CA LEU A 170 4.07 -6.72 -6.56
C LEU A 170 4.79 -7.41 -7.71
N ASN A 171 4.34 -8.62 -8.07
CA ASN A 171 4.97 -9.38 -9.14
C ASN A 171 4.95 -8.63 -10.46
N LEU A 172 3.90 -7.85 -10.71
CA LEU A 172 3.70 -7.21 -12.02
C LEU A 172 4.36 -5.84 -12.12
N ALA A 173 5.02 -5.37 -11.06
CA ALA A 173 5.57 -4.03 -11.05
C ALA A 173 6.77 -3.89 -11.98
N GLN A 174 6.77 -2.82 -12.80
CA GLN A 174 7.92 -2.47 -13.63
C GLN A 174 8.72 -1.31 -13.07
N HIS A 175 8.36 -0.80 -11.90
CA HIS A 175 8.99 0.35 -11.26
C HIS A 175 9.06 0.05 -9.77
N PRO A 176 9.90 0.77 -9.02
CA PRO A 176 10.02 0.47 -7.59
C PRO A 176 8.68 0.61 -6.90
N LYS A 177 8.31 -0.41 -6.12
CA LYS A 177 6.97 -0.46 -5.55
C LYS A 177 7.03 -1.17 -4.20
N VAL A 178 6.24 -0.68 -3.24
CA VAL A 178 6.05 -1.38 -1.98
C VAL A 178 4.56 -1.39 -1.68
N LEU A 179 4.13 -2.40 -0.92
CA LEU A 179 2.76 -2.50 -0.43
C LEU A 179 2.85 -2.40 1.08
N VAL A 180 2.36 -1.30 1.64
CA VAL A 180 2.47 -1.06 3.07
C VAL A 180 1.15 -1.48 3.71
N GLU A 181 1.20 -2.50 4.56
CA GLU A 181 0.12 -2.81 5.48
C GLU A 181 0.35 -1.95 6.72
N LEU A 182 -0.52 -0.94 6.94
CA LEU A 182 -0.20 0.06 7.95
C LEU A 182 -0.48 -0.43 9.37
N GLY A 183 -1.35 -1.41 9.53
CA GLY A 183 -1.64 -1.94 10.85
C GLY A 183 -2.66 -3.06 10.72
N ASN A 184 -3.08 -3.55 11.89
CA ASN A 184 -4.00 -4.67 12.00
C ASN A 184 -5.37 -4.11 12.37
N MET A 185 -6.33 -4.16 11.44
CA MET A 185 -7.66 -3.59 11.74
C MET A 185 -8.36 -4.31 12.88
N LYS A 186 -7.94 -5.55 13.18
CA LYS A 186 -8.56 -6.35 14.23
C LYS A 186 -7.95 -6.09 15.61
N ASN A 187 -7.03 -5.14 15.70
CA ASN A 187 -6.33 -4.81 16.94
C ASN A 187 -6.88 -3.49 17.50
N ALA A 188 -6.96 -3.41 18.85
CA ALA A 188 -7.63 -2.27 19.47
C ALA A 188 -6.91 -0.96 19.19
N GLN A 189 -5.58 -0.96 19.33
CA GLN A 189 -4.79 0.26 19.15
C GLN A 189 -4.73 0.71 17.69
N ASP A 190 -4.51 -0.24 16.77
CA ASP A 190 -4.48 0.13 15.36
C ASP A 190 -5.86 0.57 14.87
N SER A 191 -6.92 -0.14 15.26
CA SER A 191 -8.26 0.30 14.86
C SER A 191 -8.53 1.73 15.30
N ALA A 192 -8.18 2.05 16.55
CA ALA A 192 -8.39 3.42 17.02
C ALA A 192 -7.66 4.43 16.15
N MET A 193 -6.41 4.13 15.80
N MET A 193 -6.41 4.12 15.79
CA MET A 193 -5.65 5.06 14.96
CA MET A 193 -5.65 5.07 14.96
C MET A 193 -6.23 5.14 13.55
C MET A 193 -6.21 5.13 13.54
N MET A 194 -6.62 3.99 12.99
CA MET A 194 -7.19 3.99 11.63
C MET A 194 -8.52 4.72 11.55
N THR A 195 -9.31 4.67 12.62
CA THR A 195 -10.61 5.31 12.65
C THR A 195 -10.52 6.79 13.00
N SER A 196 -9.35 7.29 13.35
CA SER A 196 -9.13 8.68 13.75
C SER A 196 -8.69 9.50 12.57
N PRO A 197 -9.33 10.65 12.27
CA PRO A 197 -8.79 11.50 11.20
C PRO A 197 -7.32 11.84 11.41
N GLU A 198 -6.92 12.21 12.63
CA GLU A 198 -5.53 12.56 12.86
C GLU A 198 -4.62 11.32 12.83
N GLY A 199 -5.16 10.14 13.16
CA GLY A 199 -4.41 8.92 12.97
C GLY A 199 -4.08 8.67 11.50
N ARG A 200 -5.07 8.87 10.62
CA ARG A 200 -4.82 8.69 9.20
C ARG A 200 -3.84 9.73 8.68
N SER A 201 -3.92 10.95 9.21
CA SER A 201 -2.93 11.97 8.86
C SER A 201 -1.52 11.55 9.27
N LYS A 202 -1.36 11.02 10.49
CA LYS A 202 -0.04 10.56 10.93
C LYS A 202 0.49 9.41 10.07
N TYR A 203 -0.37 8.43 9.76
CA TYR A 203 0.03 7.39 8.81
C TYR A 203 0.51 8.00 7.50
N ALA A 204 -0.27 8.94 6.96
CA ALA A 204 0.06 9.50 5.66
C ALA A 204 1.39 10.25 5.70
N GLN A 205 1.60 11.07 6.74
CA GLN A 205 2.85 11.83 6.86
C GLN A 205 4.04 10.89 6.88
N ALA A 206 3.90 9.76 7.58
CA ALA A 206 5.00 8.82 7.71
C ALA A 206 5.31 8.17 6.37
N VAL A 207 4.27 7.75 5.64
CA VAL A 207 4.47 7.21 4.29
C VAL A 207 5.16 8.25 3.40
N VAL A 208 4.70 9.51 3.47
CA VAL A 208 5.33 10.55 2.66
C VAL A 208 6.80 10.70 3.01
N GLN A 209 7.14 10.64 4.30
CA GLN A 209 8.56 10.70 4.69
C GLN A 209 9.35 9.56 4.06
N GLY A 210 8.75 8.38 3.99
CA GLY A 210 9.43 7.26 3.33
C GLY A 210 9.60 7.48 1.84
N ILE A 211 8.57 8.00 1.17
CA ILE A 211 8.69 8.31 -0.26
C ILE A 211 9.77 9.36 -0.47
N VAL A 212 9.75 10.43 0.32
CA VAL A 212 10.74 11.49 0.19
C VAL A 212 12.15 10.96 0.42
N ALA A 213 12.32 10.15 1.47
CA ALA A 213 13.64 9.59 1.75
C ALA A 213 14.12 8.72 0.61
N TYR A 214 13.22 7.93 0.03
CA TYR A 214 13.63 7.06 -1.08
C TYR A 214 14.00 7.85 -2.32
N LEU A 215 13.17 8.83 -2.72
CA LEU A 215 13.45 9.58 -3.94
C LEU A 215 14.66 10.50 -3.79
N SER A 216 15.03 10.87 -2.57
N SER A 216 15.02 10.88 -2.57
CA SER A 216 16.24 11.64 -2.36
CA SER A 216 16.19 11.70 -2.33
C SER A 216 17.47 10.74 -2.36
C SER A 216 17.44 10.84 -2.18
#